data_6C19
#
_entry.id   6C19
#
_cell.length_a   208.426
_cell.length_b   49.013
_cell.length_c   64.628
_cell.angle_alpha   90.00
_cell.angle_beta   105.97
_cell.angle_gamma   90.00
#
_symmetry.space_group_name_H-M   'C 1 2 1'
#
loop_
_entity.id
_entity.type
_entity.pdbx_description
1 polymer 'Fibroblast growth factor receptor 1'
2 non-polymer 3-(2,6-dichloro-3,5-dimethoxyphenyl)-1-{(3S)-1-[(2E)-4-(dimethylamino)but-2-enoyl]pyrrolidin-3-yl}-7-(methylamino)-3,4-dihydropyrimido[4,5-d]pyrimidin-2(1H)-one
3 non-polymer 'SULFATE ION'
4 water water
#
_entity_poly.entity_id   1
_entity_poly.type   'polypeptide(L)'
_entity_poly.pdbx_seq_one_letter_code
;GAMSGVSEYELPEDPRWELPRDRLVLGKPLGEGAFGQVVLAEAIGLDKDKPNRVTKVAVKMLKSDATEKDLSDLISEMEM
MKMIGKHKNIINLLGACTQDGPLYVIVEYASKGNLREYLQARRPPGLEYSYNPSHNPEEQLSSKDLVSCAYQVARGMEYL
ASKKCIHRDLAARNVLVTEDNVMKIADFGLARDIHHIDYYKKTTNGRLPVKWMAPEALFDRIYTHQSDVWSFGVLLWEIF
TLGGSPYPGVPVEELFKLLKEGHRMDKPSNCTNELYMMMRDCWHAVPSQRPTFKQLVEDLDRIVALTSNQE
;
_entity_poly.pdbx_strand_id   A,B
#
# COMPACT_ATOMS: atom_id res chain seq x y z
N GLU A 10 11.23 44.79 -12.12
CA GLU A 10 10.93 43.38 -11.74
C GLU A 10 10.82 43.25 -10.21
N LEU A 11 11.34 42.15 -9.68
CA LEU A 11 11.00 41.62 -8.37
C LEU A 11 12.22 41.47 -7.49
N PRO A 12 12.10 41.80 -6.18
CA PRO A 12 13.32 41.98 -5.40
C PRO A 12 13.94 40.64 -4.97
N GLU A 13 15.26 40.61 -4.85
CA GLU A 13 15.95 39.37 -4.58
C GLU A 13 15.77 39.03 -3.10
N ASP A 14 15.66 37.74 -2.82
CA ASP A 14 15.57 37.25 -1.47
C ASP A 14 16.53 36.09 -1.32
N PRO A 15 17.74 36.32 -0.76
CA PRO A 15 18.77 35.24 -0.75
C PRO A 15 18.44 34.05 0.16
N ARG A 16 17.38 34.12 0.92
CA ARG A 16 16.99 32.97 1.73
C ARG A 16 16.47 31.85 0.84
N TRP A 17 15.94 32.24 -0.31
CA TRP A 17 15.22 31.31 -1.17
C TRP A 17 15.83 31.21 -2.54
N GLU A 18 16.65 32.18 -2.96
CA GLU A 18 17.13 32.26 -4.34
C GLU A 18 18.02 31.10 -4.77
N LEU A 19 17.70 30.49 -5.90
CA LEU A 19 18.57 29.45 -6.46
C LEU A 19 18.99 29.89 -7.86
N PRO A 20 20.29 29.83 -8.19
CA PRO A 20 20.64 30.18 -9.55
C PRO A 20 19.93 29.30 -10.57
N ARG A 21 19.53 29.93 -11.68
CA ARG A 21 18.72 29.30 -12.73
C ARG A 21 19.38 28.04 -13.28
N ASP A 22 20.71 28.07 -13.43
CA ASP A 22 21.43 26.91 -13.95
C ASP A 22 21.55 25.72 -13.00
N ARG A 23 21.09 25.88 -11.77
CA ARG A 23 20.99 24.77 -10.81
C ARG A 23 19.74 23.94 -11.07
N LEU A 24 18.91 24.36 -12.02
CA LEU A 24 17.65 23.68 -12.30
C LEU A 24 17.65 23.04 -13.69
N VAL A 25 17.36 21.75 -13.76
CA VAL A 25 17.19 21.09 -15.04
C VAL A 25 15.71 20.79 -15.18
N LEU A 26 15.04 21.55 -16.03
CA LEU A 26 13.60 21.44 -16.19
C LEU A 26 13.32 20.17 -16.94
N GLY A 27 12.41 19.36 -16.44
CA GLY A 27 12.03 18.12 -17.09
C GLY A 27 10.56 18.19 -17.50
N LYS A 28 9.85 17.09 -17.26
CA LYS A 28 8.58 16.84 -17.92
C LYS A 28 7.44 17.65 -17.31
N PRO A 29 6.44 18.01 -18.13
CA PRO A 29 5.29 18.73 -17.56
C PRO A 29 4.48 17.83 -16.61
N LEU A 30 4.07 18.37 -15.47
CA LEU A 30 3.24 17.66 -14.48
C LEU A 30 1.74 17.97 -14.52
N GLY A 31 1.38 19.13 -15.08
CA GLY A 31 0.01 19.63 -15.03
C GLY A 31 -0.03 21.16 -15.00
N GLU A 32 -1.08 21.73 -15.59
CA GLU A 32 -1.26 23.18 -15.83
C GLU A 32 -2.25 23.81 -14.88
N GLN A 37 1.46 26.75 -14.58
CA GLN A 37 1.88 25.43 -15.06
C GLN A 37 3.06 24.88 -14.23
N VAL A 38 3.12 23.57 -14.10
CA VAL A 38 4.02 22.90 -13.18
C VAL A 38 4.82 21.87 -13.95
N VAL A 39 6.13 21.83 -13.71
CA VAL A 39 7.04 20.85 -14.37
C VAL A 39 7.87 20.14 -13.32
N LEU A 40 8.22 18.88 -13.59
CA LEU A 40 9.17 18.17 -12.78
C LEU A 40 10.53 18.74 -13.14
N ALA A 41 11.47 18.71 -12.19
CA ALA A 41 12.80 19.17 -12.43
C ALA A 41 13.76 18.59 -11.41
N GLU A 42 15.04 18.83 -11.65
CA GLU A 42 16.10 18.39 -10.78
C GLU A 42 16.88 19.61 -10.37
N ALA A 43 17.03 19.78 -9.07
CA ALA A 43 17.67 20.92 -8.50
C ALA A 43 19.03 20.49 -7.95
N ILE A 44 20.07 21.21 -8.33
CA ILE A 44 21.44 20.92 -7.92
C ILE A 44 21.78 21.81 -6.72
N GLY A 45 22.15 21.20 -5.60
CA GLY A 45 22.67 21.96 -4.46
C GLY A 45 21.62 22.75 -3.71
N LEU A 46 20.42 22.20 -3.49
CA LEU A 46 19.46 22.86 -2.61
C LEU A 46 20.05 22.98 -1.20
N ASP A 47 20.64 21.89 -0.70
CA ASP A 47 21.27 21.95 0.59
C ASP A 47 22.70 22.49 0.42
N LYS A 48 22.99 23.64 1.03
CA LYS A 48 24.30 24.29 0.94
C LYS A 48 25.41 23.39 1.44
N ASP A 49 25.05 22.48 2.34
CA ASP A 49 25.96 21.51 2.90
C ASP A 49 26.13 20.21 2.04
N LYS A 50 25.16 19.90 1.16
CA LYS A 50 25.31 18.79 0.19
C LYS A 50 25.21 19.31 -1.27
N PRO A 51 26.15 20.20 -1.67
CA PRO A 51 26.02 21.02 -2.89
C PRO A 51 26.13 20.25 -4.23
N ASN A 52 26.59 18.99 -4.20
CA ASN A 52 26.65 18.14 -5.39
C ASN A 52 25.55 17.07 -5.50
N ARG A 53 24.49 17.19 -4.70
CA ARG A 53 23.38 16.28 -4.80
C ARG A 53 22.26 16.91 -5.64
N VAL A 54 21.58 16.07 -6.40
CA VAL A 54 20.45 16.50 -7.21
C VAL A 54 19.19 16.02 -6.51
N THR A 55 18.26 16.93 -6.31
CA THR A 55 16.94 16.60 -5.77
C THR A 55 15.82 16.83 -6.79
N LYS A 56 14.82 15.94 -6.77
CA LYS A 56 13.68 16.08 -7.66
C LYS A 56 12.73 17.06 -7.00
N VAL A 57 12.24 18.03 -7.78
CA VAL A 57 11.41 19.08 -7.25
C VAL A 57 10.34 19.40 -8.28
N ALA A 58 9.27 20.07 -7.85
CA ALA A 58 8.27 20.66 -8.75
C ALA A 58 8.51 22.16 -8.88
N VAL A 59 8.33 22.66 -10.08
CA VAL A 59 8.58 24.05 -10.38
C VAL A 59 7.36 24.63 -11.04
N LYS A 60 6.87 25.72 -10.49
CA LYS A 60 5.71 26.37 -11.04
C LYS A 60 6.16 27.62 -11.74
N MET A 61 5.66 27.84 -12.95
CA MET A 61 5.96 29.02 -13.75
C MET A 61 4.68 29.51 -14.44
N LEU A 62 4.67 30.76 -14.89
CA LEU A 62 3.53 31.34 -15.58
C LEU A 62 3.44 30.73 -16.97
N LYS A 63 2.21 30.55 -17.47
CA LYS A 63 1.97 30.07 -18.84
C LYS A 63 2.24 31.22 -19.83
N SER A 64 2.54 30.89 -21.09
CA SER A 64 2.94 31.90 -22.09
C SER A 64 1.92 33.03 -22.30
N ASP A 65 0.65 32.74 -22.02
CA ASP A 65 -0.45 33.69 -22.21
C ASP A 65 -0.95 34.35 -20.91
N ALA A 66 -0.06 34.43 -19.91
CA ALA A 66 -0.44 34.87 -18.56
C ALA A 66 -0.63 36.38 -18.46
N THR A 67 -1.55 36.80 -17.61
CA THR A 67 -1.81 38.21 -17.34
C THR A 67 -0.97 38.71 -16.16
N GLU A 68 -0.95 40.02 -15.94
CA GLU A 68 -0.33 40.59 -14.72
C GLU A 68 -0.97 40.10 -13.40
N LYS A 69 -2.25 39.72 -13.41
CA LYS A 69 -2.87 39.18 -12.18
C LYS A 69 -2.39 37.75 -11.94
N ASP A 70 -2.00 37.06 -13.00
CA ASP A 70 -1.36 35.75 -12.88
C ASP A 70 0.01 35.90 -12.20
N LEU A 71 0.83 36.80 -12.70
CA LEU A 71 2.12 37.07 -12.08
C LEU A 71 1.97 37.44 -10.62
N SER A 72 1.11 38.40 -10.33
CA SER A 72 1.03 38.93 -8.97
C SER A 72 0.48 37.87 -8.00
N ASP A 73 -0.41 37.02 -8.50
CA ASP A 73 -0.91 35.90 -7.71
C ASP A 73 0.18 34.88 -7.43
N LEU A 74 1.03 34.64 -8.42
CA LEU A 74 2.15 33.70 -8.32
C LEU A 74 3.15 34.20 -7.28
N ILE A 75 3.35 35.49 -7.26
CA ILE A 75 4.25 36.12 -6.31
C ILE A 75 3.65 36.01 -4.92
N SER A 76 2.35 36.29 -4.79
CA SER A 76 1.72 36.22 -3.48
C SER A 76 1.73 34.81 -2.96
N GLU A 77 1.45 33.83 -3.81
CA GLU A 77 1.55 32.45 -3.36
C GLU A 77 2.93 32.21 -2.76
N MET A 78 3.97 32.56 -3.49
CA MET A 78 5.34 32.32 -3.04
C MET A 78 5.57 32.96 -1.67
N GLU A 79 5.23 34.25 -1.58
CA GLU A 79 5.44 35.04 -0.39
C GLU A 79 4.76 34.47 0.82
N MET A 80 3.54 34.04 0.60
N MET A 80 3.52 34.03 0.63
CA MET A 80 2.74 33.40 1.61
CA MET A 80 2.76 33.41 1.73
C MET A 80 3.37 32.09 2.11
C MET A 80 3.38 32.07 2.15
N MET A 81 3.85 31.28 1.18
CA MET A 81 4.52 30.03 1.52
C MET A 81 5.82 30.31 2.30
N LYS A 82 6.55 31.36 1.94
CA LYS A 82 7.68 31.78 2.79
C LYS A 82 7.27 31.98 4.26
N MET A 83 6.12 32.59 4.53
CA MET A 83 5.69 32.93 5.92
C MET A 83 5.16 31.76 6.72
N ILE A 84 4.59 30.79 6.02
CA ILE A 84 3.89 29.72 6.69
C ILE A 84 4.82 28.76 7.37
N GLY A 85 5.99 28.52 6.78
CA GLY A 85 7.01 27.65 7.37
C GLY A 85 6.80 26.21 6.95
N LYS A 86 7.68 25.33 7.44
CA LYS A 86 7.75 23.96 7.00
C LYS A 86 6.89 23.04 7.82
N HIS A 87 6.30 22.07 7.16
CA HIS A 87 5.66 20.99 7.90
C HIS A 87 5.67 19.79 6.99
N LYS A 88 5.91 18.61 7.55
CA LYS A 88 5.99 17.40 6.74
C LYS A 88 4.72 17.07 5.95
N ASN A 89 3.57 17.53 6.40
CA ASN A 89 2.30 17.25 5.78
C ASN A 89 1.70 18.39 4.98
N ILE A 90 2.54 19.34 4.56
CA ILE A 90 2.21 20.26 3.49
C ILE A 90 3.24 20.22 2.36
N ILE A 91 2.89 20.78 1.23
CA ILE A 91 3.84 20.93 0.15
C ILE A 91 4.70 22.16 0.48
N ASN A 92 6.01 21.96 0.65
CA ASN A 92 6.84 23.02 1.14
C ASN A 92 7.59 23.75 0.03
N LEU A 93 7.79 25.06 0.24
CA LEU A 93 8.68 25.88 -0.54
C LEU A 93 10.12 25.41 -0.36
N LEU A 94 10.82 25.28 -1.46
CA LEU A 94 12.24 24.93 -1.44
C LEU A 94 13.14 26.02 -2.01
N GLY A 95 12.63 26.83 -2.91
CA GLY A 95 13.46 27.86 -3.50
C GLY A 95 12.73 28.59 -4.60
N ALA A 96 13.40 29.52 -5.25
CA ALA A 96 12.84 30.31 -6.34
C ALA A 96 13.93 30.85 -7.23
N CYS A 97 13.64 31.01 -8.52
CA CYS A 97 14.49 31.75 -9.45
C CYS A 97 13.71 32.97 -9.90
N THR A 98 14.22 34.14 -9.53
CA THR A 98 13.43 35.39 -9.59
C THR A 98 14.10 36.49 -10.40
N GLN A 99 15.34 36.31 -10.82
CA GLN A 99 16.13 37.42 -11.34
C GLN A 99 16.48 37.21 -12.82
N ASP A 100 17.10 36.08 -13.15
CA ASP A 100 17.66 35.86 -14.49
C ASP A 100 16.59 35.73 -15.59
N GLY A 101 15.31 35.78 -15.24
CA GLY A 101 14.26 35.73 -16.27
C GLY A 101 12.95 35.25 -15.66
N PRO A 102 12.22 34.37 -16.37
CA PRO A 102 10.88 33.97 -15.86
C PRO A 102 10.87 33.51 -14.40
N LEU A 103 9.86 33.92 -13.65
CA LEU A 103 9.73 33.52 -12.26
C LEU A 103 9.53 32.01 -12.16
N TYR A 104 10.37 31.34 -11.38
CA TYR A 104 10.19 29.94 -11.07
C TYR A 104 10.08 29.79 -9.57
N VAL A 105 9.01 29.13 -9.12
CA VAL A 105 8.80 28.78 -7.72
C VAL A 105 9.01 27.28 -7.54
N ILE A 106 9.90 26.91 -6.62
CA ILE A 106 10.34 25.54 -6.47
C ILE A 106 9.80 25.00 -5.16
N VAL A 107 9.07 23.90 -5.28
CA VAL A 107 8.45 23.25 -4.16
C VAL A 107 8.67 21.75 -4.22
N GLU A 108 8.27 21.07 -3.17
CA GLU A 108 8.44 19.63 -3.06
C GLU A 108 7.67 18.86 -4.11
N TYR A 109 8.25 17.76 -4.60
CA TYR A 109 7.60 16.93 -5.58
C TYR A 109 6.93 15.71 -4.95
N ALA A 110 5.73 15.39 -5.42
CA ALA A 110 4.95 14.26 -4.94
C ALA A 110 4.74 13.29 -6.10
N SER A 111 5.55 12.25 -6.16
CA SER A 111 5.62 11.36 -7.33
C SER A 111 4.34 10.55 -7.53
N LYS A 112 3.58 10.34 -6.47
CA LYS A 112 2.36 9.55 -6.60
C LYS A 112 1.10 10.36 -6.88
N GLY A 113 1.26 11.66 -7.15
CA GLY A 113 0.14 12.48 -7.61
C GLY A 113 -0.82 12.89 -6.49
N ASN A 114 -2.00 13.34 -6.87
CA ASN A 114 -2.98 13.78 -5.92
C ASN A 114 -3.78 12.61 -5.30
N LEU A 115 -4.35 12.87 -4.14
CA LEU A 115 -4.90 11.80 -3.30
C LEU A 115 -6.12 11.13 -3.96
N ARG A 116 -6.89 11.94 -4.67
CA ARG A 116 -8.03 11.41 -5.40
C ARG A 116 -7.63 10.33 -6.39
N GLU A 117 -6.68 10.64 -7.27
CA GLU A 117 -6.18 9.66 -8.27
C GLU A 117 -5.50 8.47 -7.59
N TYR A 118 -4.74 8.75 -6.54
CA TYR A 118 -4.03 7.76 -5.75
C TYR A 118 -5.00 6.73 -5.20
N LEU A 119 -6.11 7.19 -4.62
CA LEU A 119 -7.12 6.29 -4.09
C LEU A 119 -7.87 5.52 -5.18
N GLN A 120 -8.29 6.22 -6.23
CA GLN A 120 -8.99 5.55 -7.33
C GLN A 120 -8.18 4.46 -7.96
N ALA A 121 -6.88 4.70 -8.11
CA ALA A 121 -6.01 3.67 -8.69
C ALA A 121 -5.87 2.42 -7.80
N ARG A 122 -6.36 2.50 -6.56
CA ARG A 122 -6.22 1.43 -5.58
C ARG A 122 -7.56 0.79 -5.21
N ARG A 123 -8.59 1.11 -5.99
CA ARG A 123 -9.86 0.41 -5.88
C ARG A 123 -9.70 -1.05 -6.24
N PRO A 124 -10.46 -1.91 -5.56
CA PRO A 124 -10.59 -3.24 -6.15
C PRO A 124 -11.34 -3.14 -7.49
N PRO A 125 -10.86 -3.84 -8.54
CA PRO A 125 -11.50 -4.01 -9.87
C PRO A 125 -13.02 -4.29 -9.91
N GLU A 128 -17.29 -2.42 -9.48
CA GLU A 128 -18.50 -2.53 -10.33
C GLU A 128 -19.28 -1.22 -10.24
N TYR A 129 -19.57 -0.81 -9.02
CA TYR A 129 -20.19 0.49 -8.75
C TYR A 129 -19.15 1.59 -8.45
N SER A 130 -17.87 1.28 -8.50
CA SER A 130 -16.81 2.30 -8.49
C SER A 130 -15.58 1.66 -9.09
N TYR A 131 -15.53 1.73 -10.42
CA TYR A 131 -14.52 1.05 -11.17
C TYR A 131 -13.18 1.72 -10.97
N ASN A 132 -12.12 0.98 -11.30
CA ASN A 132 -10.74 1.41 -11.18
C ASN A 132 -10.25 1.98 -12.53
N PRO A 133 -9.99 3.29 -12.59
CA PRO A 133 -9.67 3.92 -13.87
C PRO A 133 -8.22 3.75 -14.39
N SER A 134 -7.36 3.03 -13.66
CA SER A 134 -6.03 2.63 -14.17
C SER A 134 -6.07 1.21 -14.69
N GLU A 138 -3.00 -0.58 -8.54
CA GLU A 138 -2.03 -0.68 -7.46
C GLU A 138 -2.59 -1.45 -6.26
N GLU A 139 -1.71 -1.83 -5.34
CA GLU A 139 -2.11 -2.58 -4.14
C GLU A 139 -3.24 -1.83 -3.48
N GLN A 140 -4.28 -2.55 -3.11
CA GLN A 140 -5.35 -1.94 -2.34
C GLN A 140 -4.81 -1.40 -1.02
N LEU A 141 -5.49 -0.40 -0.49
CA LEU A 141 -5.11 0.19 0.78
C LEU A 141 -5.83 -0.50 1.90
N SER A 142 -5.07 -0.87 2.94
CA SER A 142 -5.66 -1.48 4.11
C SER A 142 -6.48 -0.48 4.86
N SER A 143 -7.33 -1.01 5.73
CA SER A 143 -8.10 -0.14 6.59
C SER A 143 -7.25 0.90 7.35
N LYS A 144 -6.16 0.45 7.94
CA LYS A 144 -5.34 1.34 8.76
C LYS A 144 -4.73 2.43 7.88
N ASP A 145 -4.29 2.05 6.67
CA ASP A 145 -3.72 3.02 5.71
C ASP A 145 -4.65 4.16 5.36
N LEU A 146 -5.93 3.86 5.26
CA LEU A 146 -6.93 4.88 4.93
C LEU A 146 -7.15 5.86 6.07
N VAL A 147 -7.20 5.34 7.29
CA VAL A 147 -7.33 6.21 8.45
C VAL A 147 -6.04 7.03 8.61
N SER A 148 -4.93 6.39 8.33
CA SER A 148 -3.63 7.04 8.47
C SER A 148 -3.49 8.19 7.44
N CYS A 149 -4.05 7.98 6.26
N CYS A 149 -4.03 7.98 6.24
CA CYS A 149 -4.12 9.03 5.29
CA CYS A 149 -4.13 9.07 5.27
C CYS A 149 -4.96 10.22 5.79
C CYS A 149 -4.91 10.22 5.89
N ALA A 150 -6.09 9.92 6.44
CA ALA A 150 -6.91 10.95 7.07
C ALA A 150 -6.15 11.71 8.16
N TYR A 151 -5.45 10.95 9.00
CA TYR A 151 -4.66 11.52 10.07
C TYR A 151 -3.65 12.53 9.55
N GLN A 152 -2.92 12.15 8.50
CA GLN A 152 -1.87 12.97 7.97
C GLN A 152 -2.43 14.26 7.41
N VAL A 153 -3.57 14.17 6.73
CA VAL A 153 -4.21 15.33 6.17
C VAL A 153 -4.64 16.25 7.30
N ALA A 154 -5.17 15.67 8.35
CA ALA A 154 -5.57 16.48 9.48
C ALA A 154 -4.37 17.14 10.14
N ARG A 155 -3.26 16.43 10.27
CA ARG A 155 -2.04 17.03 10.85
C ARG A 155 -1.54 18.24 10.05
N GLY A 156 -1.61 18.11 8.73
CA GLY A 156 -1.24 19.20 7.84
C GLY A 156 -2.16 20.37 8.02
N MET A 157 -3.48 20.10 8.06
CA MET A 157 -4.44 21.17 8.30
C MET A 157 -4.28 21.79 9.69
N GLU A 158 -3.97 20.97 10.69
CA GLU A 158 -3.73 21.51 12.03
C GLU A 158 -2.60 22.51 12.06
N TYR A 159 -1.51 22.22 11.36
CA TYR A 159 -0.38 23.12 11.24
C TYR A 159 -0.81 24.42 10.56
N LEU A 160 -1.43 24.32 9.39
CA LEU A 160 -1.88 25.51 8.67
C LEU A 160 -2.79 26.37 9.50
N ALA A 161 -3.76 25.76 10.21
CA ALA A 161 -4.64 26.52 11.08
C ALA A 161 -3.87 27.22 12.19
N SER A 162 -2.88 26.54 12.78
CA SER A 162 -2.04 27.14 13.83
C SER A 162 -1.27 28.33 13.29
N LYS A 163 -1.01 28.38 11.97
CA LYS A 163 -0.44 29.54 11.29
C LYS A 163 -1.47 30.53 10.73
N LYS A 164 -2.72 30.42 11.17
CA LYS A 164 -3.78 31.31 10.74
C LYS A 164 -4.04 31.25 9.22
N CYS A 165 -3.68 30.14 8.59
CA CYS A 165 -3.94 29.95 7.16
C CYS A 165 -5.26 29.21 6.97
N ILE A 166 -6.18 29.89 6.31
CA ILE A 166 -7.45 29.32 5.83
C ILE A 166 -7.30 28.82 4.38
N HIS A 167 -7.51 27.51 4.14
CA HIS A 167 -7.32 26.90 2.84
C HIS A 167 -8.37 27.36 1.83
N ARG A 168 -9.67 27.18 2.17
CA ARG A 168 -10.80 27.54 1.34
C ARG A 168 -11.15 26.52 0.24
N ASP A 169 -10.22 25.65 -0.14
CA ASP A 169 -10.54 24.63 -1.13
C ASP A 169 -9.92 23.28 -0.80
N LEU A 170 -10.08 22.83 0.42
CA LEU A 170 -9.52 21.58 0.82
C LEU A 170 -10.37 20.48 0.18
N ALA A 171 -9.71 19.51 -0.41
CA ALA A 171 -10.37 18.41 -1.13
C ALA A 171 -9.26 17.39 -1.44
N ALA A 172 -9.61 16.13 -1.71
CA ALA A 172 -8.58 15.12 -1.99
C ALA A 172 -7.72 15.49 -3.22
N ARG A 173 -8.32 16.17 -4.21
CA ARG A 173 -7.55 16.67 -5.35
C ARG A 173 -6.42 17.59 -4.86
N ASN A 174 -6.60 18.30 -3.74
CA ASN A 174 -5.59 19.23 -3.22
C ASN A 174 -4.80 18.65 -2.07
N VAL A 175 -4.65 17.34 -2.10
CA VAL A 175 -3.66 16.66 -1.28
C VAL A 175 -2.77 15.88 -2.24
N LEU A 176 -1.46 15.93 -2.09
CA LEU A 176 -0.56 15.16 -2.94
C LEU A 176 0.18 14.12 -2.11
N VAL A 177 0.68 13.08 -2.78
CA VAL A 177 1.24 11.92 -2.11
C VAL A 177 2.64 11.70 -2.65
N THR A 178 3.61 11.59 -1.74
CA THR A 178 5.02 11.45 -2.14
C THR A 178 5.37 9.99 -2.41
N GLU A 179 6.64 9.78 -2.77
CA GLU A 179 7.13 8.45 -3.12
C GLU A 179 7.03 7.58 -1.90
N ASP A 180 7.22 8.18 -0.72
CA ASP A 180 7.05 7.45 0.52
C ASP A 180 5.63 7.53 1.13
N ASN A 181 4.63 7.81 0.31
CA ASN A 181 3.22 7.87 0.73
C ASN A 181 2.93 8.84 1.87
N VAL A 182 3.66 9.94 1.92
CA VAL A 182 3.38 11.00 2.87
C VAL A 182 2.34 11.90 2.22
N MET A 183 1.27 12.21 2.97
CA MET A 183 0.24 13.10 2.51
C MET A 183 0.66 14.54 2.77
N LYS A 184 0.49 15.40 1.75
CA LYS A 184 0.89 16.83 1.82
C LYS A 184 -0.20 17.72 1.27
N ILE A 185 -0.66 18.66 2.08
CA ILE A 185 -1.73 19.57 1.65
C ILE A 185 -1.18 20.42 0.52
N ALA A 186 -1.99 20.64 -0.52
CA ALA A 186 -1.58 21.40 -1.67
C ALA A 186 -2.40 22.67 -1.79
N ASP A 187 -1.83 23.66 -2.47
CA ASP A 187 -2.54 24.89 -2.84
C ASP A 187 -3.21 25.62 -1.68
N PHE A 188 -2.51 25.68 -0.56
CA PHE A 188 -3.00 26.35 0.65
C PHE A 188 -2.62 27.81 0.71
N GLY A 189 -2.05 28.31 -0.38
CA GLY A 189 -1.54 29.68 -0.39
C GLY A 189 -2.21 30.68 -1.28
N LEU A 190 -3.35 30.29 -1.86
CA LEU A 190 -3.99 31.05 -2.94
C LEU A 190 -4.63 32.34 -2.41
N LEU A 208 -16.43 20.11 -9.46
CA LEU A 208 -17.14 21.33 -9.04
C LEU A 208 -16.89 21.66 -7.54
N PRO A 209 -16.01 22.65 -7.28
CA PRO A 209 -15.56 22.94 -5.90
C PRO A 209 -16.66 23.34 -4.91
N VAL A 210 -17.81 23.78 -5.37
CA VAL A 210 -18.94 24.01 -4.45
C VAL A 210 -19.30 22.81 -3.57
N LYS A 211 -18.99 21.59 -3.98
CA LYS A 211 -19.34 20.40 -3.20
C LYS A 211 -18.48 20.16 -1.98
N TRP A 212 -17.46 20.98 -1.79
CA TRP A 212 -16.62 20.93 -0.62
C TRP A 212 -16.87 22.14 0.31
N MET A 213 -17.75 23.05 -0.12
CA MET A 213 -17.96 24.32 0.61
C MET A 213 -18.97 24.23 1.72
N ALA A 214 -18.61 24.79 2.88
CA ALA A 214 -19.56 24.87 4.00
C ALA A 214 -20.73 25.74 3.57
N PRO A 215 -21.91 25.49 4.13
CA PRO A 215 -23.08 26.26 3.77
C PRO A 215 -22.80 27.73 3.90
N GLU A 216 -22.12 28.12 4.98
CA GLU A 216 -21.91 29.53 5.21
C GLU A 216 -20.92 30.17 4.20
N ALA A 217 -20.03 29.35 3.63
CA ALA A 217 -19.08 29.78 2.58
C ALA A 217 -19.81 30.01 1.28
N LEU A 218 -20.70 29.13 1.02
CA LEU A 218 -21.50 29.21 -0.13
C LEU A 218 -22.43 30.41 -0.12
N PHE A 219 -23.13 30.55 0.98
CA PHE A 219 -24.21 31.52 1.10
C PHE A 219 -23.64 32.90 1.35
N ASP A 220 -22.77 32.99 2.34
CA ASP A 220 -22.29 34.29 2.81
C ASP A 220 -20.83 34.54 2.55
N ARG A 221 -20.18 33.64 1.81
CA ARG A 221 -18.75 33.80 1.51
C ARG A 221 -17.91 34.05 2.77
N ILE A 222 -18.33 33.45 3.89
CA ILE A 222 -17.63 33.48 5.16
C ILE A 222 -16.75 32.25 5.21
N TYR A 223 -15.44 32.47 5.08
CA TYR A 223 -14.45 31.42 5.11
C TYR A 223 -13.66 31.45 6.41
N THR A 224 -13.56 30.29 7.08
CA THR A 224 -12.88 30.19 8.37
C THR A 224 -12.18 28.85 8.49
N HIS A 225 -11.47 28.65 9.58
CA HIS A 225 -10.99 27.33 9.91
C HIS A 225 -12.15 26.37 10.01
N GLN A 226 -13.26 26.82 10.55
CA GLN A 226 -14.43 25.97 10.68
C GLN A 226 -15.02 25.54 9.34
N SER A 227 -14.98 26.40 8.33
CA SER A 227 -15.40 25.98 6.98
C SER A 227 -14.41 24.99 6.39
N ASP A 228 -13.12 25.11 6.75
CA ASP A 228 -12.14 24.14 6.31
C ASP A 228 -12.43 22.78 6.92
N VAL A 229 -12.91 22.78 8.17
CA VAL A 229 -13.23 21.52 8.81
C VAL A 229 -14.38 20.86 8.06
N TRP A 230 -15.39 21.62 7.64
CA TRP A 230 -16.44 21.08 6.78
C TRP A 230 -15.81 20.37 5.55
N SER A 231 -14.90 21.06 4.89
CA SER A 231 -14.30 20.56 3.66
C SER A 231 -13.57 19.27 4.00
N PHE A 232 -12.96 19.22 5.18
CA PHE A 232 -12.24 18.02 5.61
C PHE A 232 -13.17 16.84 5.75
N GLY A 233 -14.40 17.06 6.20
CA GLY A 233 -15.34 15.98 6.28
C GLY A 233 -15.73 15.42 4.92
N VAL A 234 -15.84 16.30 3.93
CA VAL A 234 -16.02 15.86 2.54
C VAL A 234 -14.80 15.10 2.05
N LEU A 235 -13.63 15.58 2.39
CA LEU A 235 -12.41 14.85 2.12
C LEU A 235 -12.40 13.46 2.79
N LEU A 236 -12.86 13.33 4.04
CA LEU A 236 -12.95 11.98 4.66
C LEU A 236 -13.86 11.07 3.85
N TRP A 237 -14.99 11.61 3.40
CA TRP A 237 -15.91 10.84 2.58
C TRP A 237 -15.21 10.37 1.30
N GLU A 238 -14.43 11.26 0.71
CA GLU A 238 -13.58 10.90 -0.45
C GLU A 238 -12.64 9.76 -0.17
N ILE A 239 -11.99 9.78 1.00
CA ILE A 239 -11.06 8.72 1.38
C ILE A 239 -11.74 7.37 1.41
N PHE A 240 -12.84 7.26 2.13
CA PHE A 240 -13.47 5.98 2.35
C PHE A 240 -14.38 5.55 1.21
N THR A 241 -14.59 6.43 0.23
CA THR A 241 -15.14 6.01 -1.07
C THR A 241 -14.05 5.77 -2.13
N LEU A 242 -12.79 5.80 -1.70
CA LEU A 242 -11.62 5.65 -2.58
C LEU A 242 -11.73 6.56 -3.81
N GLY A 243 -11.95 7.85 -3.52
CA GLY A 243 -12.01 8.90 -4.53
C GLY A 243 -13.38 9.06 -5.14
N GLY A 244 -14.41 8.79 -4.37
CA GLY A 244 -15.78 8.88 -4.84
C GLY A 244 -16.13 10.33 -5.10
N SER A 245 -17.13 10.57 -5.93
CA SER A 245 -17.58 11.91 -6.23
C SER A 245 -18.66 12.33 -5.25
N PRO A 246 -18.52 13.45 -4.56
CA PRO A 246 -19.52 13.82 -3.56
C PRO A 246 -20.86 14.19 -4.14
N TYR A 247 -21.91 13.92 -3.35
CA TYR A 247 -23.30 14.27 -3.71
C TYR A 247 -23.66 13.80 -5.12
N PRO A 248 -23.47 12.51 -5.41
CA PRO A 248 -23.70 12.02 -6.76
C PRO A 248 -25.10 12.30 -7.28
N GLY A 249 -25.17 12.82 -8.51
CA GLY A 249 -26.44 13.16 -9.15
C GLY A 249 -27.16 14.40 -8.66
N VAL A 250 -26.61 15.05 -7.63
CA VAL A 250 -27.22 16.24 -7.06
C VAL A 250 -26.72 17.41 -7.87
N PRO A 251 -27.64 18.16 -8.51
CA PRO A 251 -27.16 19.31 -9.24
C PRO A 251 -26.74 20.41 -8.26
N VAL A 252 -25.70 21.13 -8.65
CA VAL A 252 -25.12 22.23 -7.88
C VAL A 252 -26.16 23.21 -7.33
N GLU A 253 -27.09 23.61 -8.19
CA GLU A 253 -28.05 24.67 -7.86
C GLU A 253 -29.11 24.28 -6.82
N GLU A 254 -29.17 23.02 -6.45
CA GLU A 254 -30.09 22.58 -5.41
C GLU A 254 -29.38 22.30 -4.08
N LEU A 255 -28.04 22.30 -4.09
CA LEU A 255 -27.23 21.79 -2.97
C LEU A 255 -27.40 22.60 -1.67
N PHE A 256 -27.52 23.92 -1.81
CA PHE A 256 -27.72 24.82 -0.66
C PHE A 256 -29.01 24.50 0.07
N LYS A 257 -30.12 24.59 -0.65
CA LYS A 257 -31.43 24.27 -0.11
C LYS A 257 -31.35 22.95 0.64
N LEU A 258 -30.75 21.95 0.00
CA LEU A 258 -30.66 20.61 0.56
C LEU A 258 -29.85 20.63 1.84
N LEU A 259 -28.67 21.21 1.79
CA LEU A 259 -27.83 21.30 2.99
C LEU A 259 -28.62 22.03 4.06
N LYS A 260 -29.18 23.18 3.70
CA LYS A 260 -30.05 23.98 4.58
C LYS A 260 -31.12 23.12 5.25
N GLU A 261 -31.71 22.22 4.47
CA GLU A 261 -32.72 21.33 5.00
C GLU A 261 -32.20 20.14 5.81
N GLY A 262 -30.90 20.05 6.05
CA GLY A 262 -30.35 18.93 6.82
C GLY A 262 -29.81 17.77 5.98
N HIS A 263 -29.73 17.95 4.66
CA HIS A 263 -29.20 16.93 3.77
C HIS A 263 -27.70 16.81 4.07
N ARG A 264 -27.25 15.60 4.37
CA ARG A 264 -25.86 15.24 4.39
C ARG A 264 -25.66 13.98 3.59
N MET A 265 -24.45 13.75 3.10
CA MET A 265 -24.14 12.52 2.41
C MET A 265 -24.33 11.30 3.34
N ASP A 266 -24.73 10.20 2.71
CA ASP A 266 -24.86 8.89 3.36
C ASP A 266 -23.47 8.34 3.70
N LYS A 267 -23.42 7.47 4.69
CA LYS A 267 -22.18 6.80 5.03
C LYS A 267 -21.65 6.03 3.79
N PRO A 268 -20.36 6.15 3.49
CA PRO A 268 -19.78 5.22 2.53
C PRO A 268 -19.90 3.78 3.01
N SER A 269 -20.11 2.87 2.08
CA SER A 269 -20.32 1.48 2.40
C SER A 269 -19.25 0.90 3.35
N ASN A 270 -17.98 1.23 3.16
CA ASN A 270 -16.89 0.61 3.93
C ASN A 270 -16.28 1.52 4.98
N CYS A 271 -17.14 2.23 5.68
CA CYS A 271 -16.70 3.23 6.63
C CYS A 271 -17.29 2.81 7.95
N THR A 272 -16.54 2.94 9.05
CA THR A 272 -17.06 2.61 10.38
C THR A 272 -18.10 3.64 10.79
N ASN A 273 -18.98 3.27 11.69
CA ASN A 273 -19.95 4.23 12.21
C ASN A 273 -19.21 5.42 12.85
N GLU A 274 -18.09 5.12 13.51
CA GLU A 274 -17.35 6.14 14.23
C GLU A 274 -16.76 7.19 13.25
N LEU A 275 -16.12 6.72 12.20
CA LEU A 275 -15.62 7.62 11.20
C LEU A 275 -16.74 8.38 10.47
N TYR A 276 -17.92 7.78 10.30
CA TYR A 276 -19.05 8.51 9.76
C TYR A 276 -19.55 9.61 10.71
N MET A 277 -19.55 9.32 12.01
CA MET A 277 -19.96 10.35 12.97
C MET A 277 -18.99 11.55 12.90
N MET A 278 -17.71 11.27 12.73
CA MET A 278 -16.72 12.33 12.54
C MET A 278 -17.08 13.19 11.34
N MET A 279 -17.37 12.55 10.22
CA MET A 279 -17.77 13.29 9.01
C MET A 279 -18.96 14.19 9.32
N ARG A 280 -19.94 13.59 10.01
CA ARG A 280 -21.17 14.28 10.36
C ARG A 280 -20.92 15.47 11.27
N ASP A 281 -20.04 15.29 12.24
CA ASP A 281 -19.63 16.39 13.09
C ASP A 281 -18.93 17.52 12.36
N CYS A 282 -18.04 17.16 11.45
CA CYS A 282 -17.47 18.14 10.54
C CYS A 282 -18.52 18.92 9.78
N TRP A 283 -19.62 18.27 9.46
CA TRP A 283 -20.71 18.89 8.74
C TRP A 283 -21.81 19.50 9.63
N HIS A 284 -21.47 19.83 10.87
CA HIS A 284 -22.44 20.51 11.74
C HIS A 284 -22.91 21.80 11.05
N ALA A 285 -24.20 22.10 11.12
CA ALA A 285 -24.73 23.33 10.50
C ALA A 285 -24.19 24.57 11.21
N VAL A 286 -24.06 24.49 12.54
CA VAL A 286 -23.51 25.60 13.33
C VAL A 286 -21.98 25.47 13.30
N PRO A 287 -21.27 26.43 12.69
CA PRO A 287 -19.84 26.23 12.57
C PRO A 287 -19.07 26.18 13.89
N SER A 288 -19.48 26.95 14.88
CA SER A 288 -18.86 26.88 16.23
C SER A 288 -18.94 25.47 16.86
N GLN A 289 -19.78 24.58 16.33
CA GLN A 289 -19.96 23.26 16.92
C GLN A 289 -19.19 22.14 16.23
N ARG A 290 -18.52 22.47 15.12
CA ARG A 290 -17.59 21.58 14.46
C ARG A 290 -16.32 21.35 15.31
N PRO A 291 -15.75 20.14 15.23
CA PRO A 291 -14.48 19.96 15.90
C PRO A 291 -13.41 20.83 15.23
N THR A 292 -12.38 21.18 16.00
CA THR A 292 -11.19 21.79 15.44
C THR A 292 -10.28 20.72 14.80
N PHE A 293 -9.33 21.15 13.95
CA PHE A 293 -8.34 20.21 13.44
C PHE A 293 -7.48 19.63 14.59
N LYS A 294 -7.21 20.43 15.63
CA LYS A 294 -6.53 19.91 16.81
C LYS A 294 -7.22 18.66 17.36
N GLN A 295 -8.54 18.77 17.56
CA GLN A 295 -9.35 17.70 18.03
C GLN A 295 -9.39 16.52 17.06
N LEU A 296 -9.55 16.79 15.78
CA LEU A 296 -9.59 15.74 14.77
C LEU A 296 -8.31 14.93 14.74
N VAL A 297 -7.19 15.62 14.89
CA VAL A 297 -5.88 14.97 14.96
C VAL A 297 -5.82 14.02 16.12
N GLU A 298 -6.22 14.47 17.31
CA GLU A 298 -6.28 13.59 18.49
C GLU A 298 -7.23 12.41 18.30
N ASP A 299 -8.43 12.65 17.76
CA ASP A 299 -9.37 11.56 17.50
C ASP A 299 -8.81 10.56 16.48
N LEU A 300 -8.18 11.08 15.42
CA LEU A 300 -7.65 10.23 14.35
C LEU A 300 -6.43 9.43 14.84
N ASP A 301 -5.59 10.07 15.66
CA ASP A 301 -4.43 9.44 16.25
C ASP A 301 -4.84 8.16 16.99
N ARG A 302 -5.88 8.27 17.82
CA ARG A 302 -6.41 7.12 18.54
C ARG A 302 -7.08 6.09 17.60
N ILE A 303 -7.90 6.53 16.65
CA ILE A 303 -8.57 5.58 15.77
C ILE A 303 -7.54 4.75 14.99
N VAL A 304 -6.49 5.42 14.49
CA VAL A 304 -5.41 4.76 13.73
C VAL A 304 -4.87 3.65 14.60
N ALA A 305 -4.55 3.98 15.85
CA ALA A 305 -3.97 2.99 16.77
C ALA A 305 -4.90 1.78 16.99
N LEU A 306 -6.19 2.00 16.89
CA LEU A 306 -7.16 0.94 17.13
C LEU A 306 -7.60 0.22 15.84
N THR A 307 -7.23 0.74 14.67
CA THR A 307 -7.71 0.17 13.41
C THR A 307 -6.80 -0.98 12.96
N SER A 308 -7.43 -2.10 12.60
CA SER A 308 -6.69 -3.28 12.11
C SER A 308 -5.89 -3.03 10.82
N ASN A 309 -4.63 -3.48 10.84
CA ASN A 309 -3.79 -3.58 9.63
C ASN A 309 -4.28 -4.72 8.70
N GLN A 310 -5.02 -5.67 9.26
CA GLN A 310 -5.38 -6.90 8.55
C GLN A 310 -6.52 -6.71 7.56
N GLU A 311 -7.32 -5.67 7.76
CA GLU A 311 -8.54 -5.41 6.97
C GLU A 311 -8.20 -5.01 5.54
N GLU B 10 23.25 -2.14 -18.69
CA GLU B 10 23.60 -2.37 -17.26
C GLU B 10 22.39 -2.28 -16.29
N LEU B 11 22.50 -2.96 -15.15
CA LEU B 11 21.65 -2.75 -13.99
C LEU B 11 22.40 -2.07 -12.83
N PRO B 12 21.66 -1.46 -11.88
CA PRO B 12 22.34 -0.91 -10.69
C PRO B 12 22.88 -2.03 -9.81
N GLU B 13 23.96 -1.76 -9.09
CA GLU B 13 24.53 -2.75 -8.16
C GLU B 13 23.96 -2.47 -6.78
N ASP B 14 23.95 -3.49 -5.93
CA ASP B 14 23.71 -3.30 -4.49
C ASP B 14 24.69 -4.19 -3.71
N PRO B 15 25.80 -3.57 -3.26
CA PRO B 15 26.89 -4.23 -2.55
C PRO B 15 26.50 -5.16 -1.43
N ARG B 16 25.44 -4.85 -0.69
CA ARG B 16 24.99 -5.70 0.43
C ARG B 16 24.62 -7.13 -0.01
N TRP B 17 24.15 -7.27 -1.24
CA TRP B 17 23.62 -8.54 -1.72
C TRP B 17 24.40 -9.15 -2.87
N GLU B 18 25.28 -8.36 -3.48
CA GLU B 18 25.92 -8.80 -4.71
C GLU B 18 26.85 -9.96 -4.47
N LEU B 19 26.78 -10.98 -5.31
CA LEU B 19 27.68 -12.11 -5.17
C LEU B 19 28.46 -12.21 -6.46
N PRO B 20 29.81 -12.31 -6.37
CA PRO B 20 30.59 -12.60 -7.54
C PRO B 20 30.08 -13.83 -8.29
N ARG B 21 30.04 -13.73 -9.60
CA ARG B 21 29.54 -14.79 -10.47
C ARG B 21 30.32 -16.09 -10.38
N ASP B 22 31.59 -15.99 -10.06
CA ASP B 22 32.45 -17.16 -10.01
C ASP B 22 32.36 -17.90 -8.67
N ARG B 23 31.49 -17.46 -7.78
CA ARG B 23 31.25 -18.21 -6.56
C ARG B 23 29.87 -18.82 -6.51
N LEU B 24 29.30 -18.98 -7.70
CA LEU B 24 28.04 -19.64 -7.88
C LEU B 24 28.22 -20.66 -9.01
N VAL B 25 27.96 -21.92 -8.70
CA VAL B 25 27.98 -22.99 -9.68
C VAL B 25 26.56 -23.46 -9.97
N LEU B 26 26.04 -23.14 -11.15
CA LEU B 26 24.69 -23.53 -11.53
C LEU B 26 24.58 -25.04 -11.77
N GLY B 27 23.50 -25.62 -11.24
CA GLY B 27 23.22 -27.06 -11.39
C GLY B 27 21.91 -27.36 -12.12
N LYS B 28 21.22 -28.40 -11.64
CA LYS B 28 20.07 -28.96 -12.32
C LYS B 28 18.89 -28.00 -12.28
N PRO B 29 18.05 -28.02 -13.32
CA PRO B 29 16.83 -27.18 -13.30
C PRO B 29 15.79 -27.64 -12.27
N LEU B 30 15.07 -26.69 -11.66
CA LEU B 30 14.01 -27.01 -10.70
C LEU B 30 12.60 -26.72 -11.22
N GLY B 31 12.45 -25.86 -12.23
CA GLY B 31 11.12 -25.53 -12.71
C GLY B 31 11.00 -24.11 -13.22
N GLU B 32 9.82 -23.78 -13.74
CA GLU B 32 9.41 -22.39 -14.03
C GLU B 32 8.66 -21.85 -12.81
N GLY B 36 10.19 -16.18 -15.01
CA GLY B 36 11.49 -16.72 -14.62
C GLY B 36 11.61 -18.24 -14.65
N GLN B 37 12.84 -18.71 -14.60
CA GLN B 37 13.12 -20.13 -14.45
C GLN B 37 14.01 -20.25 -13.23
N VAL B 38 13.98 -21.42 -12.61
CA VAL B 38 14.62 -21.63 -11.35
C VAL B 38 15.56 -22.81 -11.48
N VAL B 39 16.79 -22.63 -10.98
CA VAL B 39 17.79 -23.69 -11.03
C VAL B 39 18.42 -23.90 -9.67
N LEU B 40 18.87 -25.11 -9.44
CA LEU B 40 19.60 -25.45 -8.23
C LEU B 40 21.03 -25.01 -8.41
N ALA B 41 21.66 -24.51 -7.36
CA ALA B 41 23.06 -24.12 -7.47
C ALA B 41 23.78 -24.30 -6.16
N GLU B 42 25.10 -24.21 -6.27
CA GLU B 42 25.96 -24.15 -5.11
C GLU B 42 26.65 -22.79 -5.08
N ALA B 43 26.59 -22.14 -3.93
CA ALA B 43 27.18 -20.84 -3.79
C ALA B 43 28.14 -20.84 -2.61
N ILE B 44 29.21 -20.13 -2.79
CA ILE B 44 30.24 -20.04 -1.78
C ILE B 44 30.18 -18.63 -1.25
N GLY B 45 29.95 -18.50 0.05
CA GLY B 45 30.13 -17.22 0.71
C GLY B 45 28.93 -16.30 0.67
N LEU B 46 27.72 -16.84 0.56
CA LEU B 46 26.50 -16.01 0.65
C LEU B 46 26.53 -15.16 1.92
N ASP B 47 26.96 -15.79 3.01
CA ASP B 47 27.20 -15.11 4.28
C ASP B 47 28.66 -14.60 4.42
N LYS B 48 28.84 -13.33 4.81
CA LYS B 48 30.20 -12.81 5.08
C LYS B 48 30.65 -13.09 6.53
N ASP B 49 29.81 -13.79 7.30
CA ASP B 49 30.22 -14.46 8.54
C ASP B 49 30.89 -15.84 8.26
N LYS B 50 30.67 -16.37 7.06
CA LYS B 50 31.24 -17.65 6.64
C LYS B 50 31.57 -17.64 5.13
N PRO B 51 32.51 -16.79 4.70
CA PRO B 51 32.82 -16.63 3.24
C PRO B 51 33.26 -17.91 2.47
N ASN B 52 33.60 -18.98 3.18
CA ASN B 52 34.00 -20.26 2.58
C ASN B 52 32.97 -21.40 2.79
N ARG B 53 31.84 -21.10 3.43
CA ARG B 53 30.77 -22.07 3.54
C ARG B 53 30.07 -22.23 2.17
N VAL B 54 29.86 -23.47 1.75
CA VAL B 54 29.16 -23.77 0.50
C VAL B 54 27.72 -24.08 0.86
N THR B 55 26.79 -23.39 0.20
CA THR B 55 25.37 -23.61 0.42
C THR B 55 24.70 -24.00 -0.89
N LYS B 56 23.78 -24.95 -0.81
CA LYS B 56 22.85 -25.25 -1.88
C LYS B 56 21.74 -24.21 -1.91
N VAL B 57 21.49 -23.65 -3.09
CA VAL B 57 20.55 -22.54 -3.24
C VAL B 57 19.72 -22.69 -4.50
N ALA B 58 18.60 -21.97 -4.54
CA ALA B 58 17.78 -21.86 -5.74
C ALA B 58 18.04 -20.52 -6.38
N VAL B 59 18.15 -20.53 -7.70
CA VAL B 59 18.43 -19.35 -8.46
C VAL B 59 17.34 -19.09 -9.50
N LYS B 60 16.81 -17.87 -9.49
CA LYS B 60 15.82 -17.42 -10.44
C LYS B 60 16.45 -16.47 -11.40
N MET B 61 16.20 -16.72 -12.68
CA MET B 61 16.73 -15.89 -13.75
C MET B 61 15.67 -15.84 -14.80
N LEU B 62 15.79 -14.91 -15.73
CA LEU B 62 14.85 -14.83 -16.83
C LEU B 62 14.99 -15.99 -17.82
N LYS B 63 13.88 -16.34 -18.47
CA LYS B 63 13.93 -17.24 -19.61
C LYS B 63 14.48 -16.47 -20.81
N SER B 64 15.00 -17.21 -21.79
CA SER B 64 15.60 -16.65 -23.03
C SER B 64 14.71 -15.67 -23.83
N ASP B 65 13.41 -15.89 -23.75
CA ASP B 65 12.45 -15.10 -24.51
C ASP B 65 11.83 -13.99 -23.66
N ALA B 66 12.38 -13.74 -22.46
CA ALA B 66 11.84 -12.70 -21.59
C ALA B 66 11.98 -11.33 -22.26
N THR B 67 11.12 -10.40 -21.89
CA THR B 67 11.16 -9.02 -22.39
C THR B 67 11.73 -8.11 -21.33
N GLU B 68 11.85 -6.83 -21.67
CA GLU B 68 12.31 -5.82 -20.75
C GLU B 68 11.37 -5.68 -19.54
N LYS B 69 10.09 -6.01 -19.71
CA LYS B 69 9.14 -5.92 -18.61
C LYS B 69 9.28 -7.10 -17.65
N ASP B 70 9.51 -8.30 -18.19
CA ASP B 70 9.84 -9.47 -17.34
C ASP B 70 11.05 -9.17 -16.44
N LEU B 71 12.06 -8.50 -17.00
CA LEU B 71 13.23 -8.10 -16.23
C LEU B 71 12.88 -7.14 -15.08
N SER B 72 12.06 -6.13 -15.34
CA SER B 72 11.79 -5.15 -14.29
C SER B 72 10.92 -5.77 -13.20
N ASP B 73 10.10 -6.76 -13.57
CA ASP B 73 9.35 -7.59 -12.63
C ASP B 73 10.24 -8.49 -11.77
N LEU B 74 11.26 -9.09 -12.39
CA LEU B 74 12.18 -9.88 -11.62
C LEU B 74 12.94 -8.96 -10.67
N ILE B 75 13.33 -7.77 -11.14
CA ILE B 75 13.98 -6.80 -10.28
C ILE B 75 13.05 -6.37 -9.12
N SER B 76 11.76 -6.20 -9.40
CA SER B 76 10.80 -5.83 -8.34
C SER B 76 10.63 -6.93 -7.32
N GLU B 77 10.47 -8.16 -7.78
CA GLU B 77 10.38 -9.24 -6.86
C GLU B 77 11.60 -9.25 -5.94
N MET B 78 12.82 -9.13 -6.49
CA MET B 78 14.01 -9.07 -5.65
C MET B 78 13.98 -7.90 -4.66
N GLU B 79 13.63 -6.72 -5.14
CA GLU B 79 13.60 -5.54 -4.30
C GLU B 79 12.55 -5.69 -3.18
N MET B 80 11.44 -6.32 -3.48
CA MET B 80 10.38 -6.60 -2.51
C MET B 80 10.88 -7.53 -1.43
N MET B 81 11.67 -8.53 -1.83
CA MET B 81 12.24 -9.48 -0.87
C MET B 81 13.22 -8.80 0.08
N LYS B 82 14.03 -7.87 -0.44
CA LYS B 82 14.85 -6.98 0.43
C LYS B 82 14.07 -6.24 1.49
N MET B 83 12.99 -5.56 1.08
CA MET B 83 12.15 -4.79 1.99
C MET B 83 11.44 -5.66 3.04
N ILE B 84 10.94 -6.83 2.65
CA ILE B 84 10.21 -7.69 3.58
C ILE B 84 11.10 -8.21 4.70
N GLY B 85 12.35 -8.52 4.39
CA GLY B 85 13.30 -8.98 5.41
C GLY B 85 13.18 -10.46 5.67
N LYS B 86 13.96 -10.95 6.62
CA LYS B 86 14.17 -12.39 6.85
C LYS B 86 13.16 -12.99 7.83
N HIS B 87 12.72 -14.21 7.55
CA HIS B 87 11.99 -15.03 8.53
C HIS B 87 12.22 -16.48 8.19
N LYS B 88 12.28 -17.34 9.20
CA LYS B 88 12.60 -18.74 8.94
C LYS B 88 11.52 -19.53 8.20
N ASN B 89 10.29 -19.07 8.29
CA ASN B 89 9.20 -19.71 7.57
C ASN B 89 8.81 -19.02 6.28
N ILE B 90 9.75 -18.27 5.68
CA ILE B 90 9.57 -17.86 4.31
C ILE B 90 10.83 -18.25 3.53
N ILE B 91 10.68 -18.26 2.22
CA ILE B 91 11.83 -18.45 1.32
C ILE B 91 12.60 -17.14 1.31
N ASN B 92 13.79 -17.13 1.89
CA ASN B 92 14.54 -15.90 2.01
C ASN B 92 15.48 -15.60 0.85
N LEU B 93 15.67 -14.32 0.58
CA LEU B 93 16.71 -13.82 -0.30
C LEU B 93 18.07 -13.98 0.33
N LEU B 94 19.00 -14.49 -0.47
CA LEU B 94 20.36 -14.73 -0.01
C LEU B 94 21.39 -13.88 -0.73
N GLY B 95 21.17 -13.56 -1.98
CA GLY B 95 22.14 -12.80 -2.75
C GLY B 95 21.64 -12.54 -4.14
N ALA B 96 22.42 -11.85 -4.93
CA ALA B 96 22.08 -11.59 -6.32
C ALA B 96 23.36 -11.44 -7.13
N CYS B 97 23.34 -11.83 -8.40
CA CYS B 97 24.36 -11.42 -9.35
C CYS B 97 23.63 -10.52 -10.31
N THR B 98 23.97 -9.24 -10.30
CA THR B 98 23.25 -8.27 -11.11
C THR B 98 24.08 -7.63 -12.23
N GLN B 99 25.40 -7.77 -12.18
CA GLN B 99 26.32 -7.15 -13.12
C GLN B 99 26.87 -8.12 -14.15
N ASP B 100 27.05 -7.62 -15.36
CA ASP B 100 27.79 -8.35 -16.39
C ASP B 100 27.24 -9.75 -16.65
N GLY B 101 26.01 -9.83 -17.12
CA GLY B 101 25.40 -11.14 -17.36
C GLY B 101 23.99 -11.18 -16.83
N PRO B 102 23.34 -12.35 -16.94
CA PRO B 102 21.97 -12.50 -16.53
C PRO B 102 21.79 -12.16 -15.06
N LEU B 103 20.68 -11.52 -14.73
CA LEU B 103 20.34 -11.30 -13.32
C LEU B 103 20.03 -12.67 -12.69
N TYR B 104 20.68 -12.97 -11.59
CA TYR B 104 20.36 -14.11 -10.79
C TYR B 104 19.92 -13.58 -9.43
N VAL B 105 18.75 -14.02 -8.99
CA VAL B 105 18.21 -13.68 -7.69
C VAL B 105 18.33 -14.97 -6.91
N ILE B 106 19.11 -14.95 -5.84
CA ILE B 106 19.48 -16.19 -5.21
C ILE B 106 18.72 -16.32 -3.90
N VAL B 107 18.05 -17.45 -3.73
CA VAL B 107 17.21 -17.66 -2.55
C VAL B 107 17.43 -19.05 -1.96
N GLU B 108 16.82 -19.28 -0.81
CA GLU B 108 16.90 -20.57 -0.13
C GLU B 108 16.24 -21.70 -0.92
N TYR B 109 16.87 -22.87 -0.84
CA TYR B 109 16.47 -24.05 -1.57
C TYR B 109 15.72 -25.01 -0.65
N ALA B 110 14.69 -25.66 -1.18
CA ALA B 110 13.86 -26.55 -0.38
C ALA B 110 13.93 -27.90 -1.04
N SER B 111 14.69 -28.82 -0.43
CA SER B 111 14.98 -30.10 -1.06
C SER B 111 13.79 -31.03 -1.15
N LYS B 112 12.76 -30.83 -0.34
CA LYS B 112 11.64 -31.78 -0.30
C LYS B 112 10.42 -31.32 -1.11
N GLY B 113 10.62 -30.30 -1.95
CA GLY B 113 9.58 -29.87 -2.86
C GLY B 113 8.48 -29.10 -2.16
N ASN B 114 7.33 -28.99 -2.81
CA ASN B 114 6.30 -28.14 -2.25
C ASN B 114 5.48 -28.97 -1.29
N LEU B 115 4.68 -28.29 -0.50
CA LEU B 115 3.99 -28.98 0.58
C LEU B 115 2.98 -29.98 0.04
N ARG B 116 2.35 -29.66 -1.09
CA ARG B 116 1.37 -30.59 -1.63
C ARG B 116 2.04 -31.92 -2.00
N GLU B 117 3.13 -31.87 -2.77
CA GLU B 117 3.92 -33.08 -3.11
C GLU B 117 4.45 -33.80 -1.88
N TYR B 118 4.96 -33.02 -0.93
CA TYR B 118 5.48 -33.57 0.29
C TYR B 118 4.40 -34.37 1.01
N LEU B 119 3.21 -33.81 1.12
CA LEU B 119 2.11 -34.50 1.81
C LEU B 119 1.71 -35.76 1.05
N GLN B 120 1.46 -35.61 -0.25
CA GLN B 120 1.00 -36.72 -1.08
C GLN B 120 1.98 -37.87 -1.11
N ALA B 121 3.27 -37.58 -1.08
CA ALA B 121 4.27 -38.65 -1.05
C ALA B 121 4.30 -39.42 0.27
N ARG B 122 3.61 -38.94 1.32
CA ARG B 122 3.68 -39.53 2.67
C ARG B 122 2.34 -40.05 3.22
N ARG B 123 1.36 -40.22 2.34
CA ARG B 123 0.09 -40.85 2.71
C ARG B 123 0.28 -42.30 3.21
N GLU B 139 7.89 -41.36 5.14
CA GLU B 139 7.16 -42.20 6.09
C GLU B 139 5.94 -41.45 6.65
N GLN B 140 4.94 -42.20 7.10
CA GLN B 140 3.73 -41.62 7.69
C GLN B 140 4.01 -40.40 8.59
N LEU B 141 3.31 -39.30 8.33
CA LEU B 141 3.31 -38.11 9.19
C LEU B 141 2.29 -38.23 10.34
N SER B 142 2.70 -37.91 11.56
CA SER B 142 1.82 -37.93 12.74
C SER B 142 0.93 -36.71 12.83
N SER B 143 -0.12 -36.81 13.65
CA SER B 143 -1.03 -35.68 13.89
C SER B 143 -0.26 -34.42 14.30
N LYS B 144 0.77 -34.59 15.15
CA LYS B 144 1.55 -33.46 15.61
C LYS B 144 2.38 -32.85 14.48
N ASP B 145 2.96 -33.67 13.60
CA ASP B 145 3.67 -33.18 12.40
C ASP B 145 2.77 -32.29 11.57
N LEU B 146 1.53 -32.72 11.40
CA LEU B 146 0.59 -32.01 10.56
C LEU B 146 0.24 -30.65 11.15
N VAL B 147 0.03 -30.63 12.47
CA VAL B 147 -0.35 -29.40 13.13
C VAL B 147 0.86 -28.47 13.17
N SER B 148 2.03 -29.04 13.42
CA SER B 148 3.28 -28.31 13.36
C SER B 148 3.53 -27.70 11.99
N CYS B 149 3.19 -28.42 10.94
N CYS B 149 3.18 -28.41 10.93
CA CYS B 149 3.25 -27.88 9.58
CA CYS B 149 3.25 -27.87 9.56
C CYS B 149 2.34 -26.66 9.40
C CYS B 149 2.34 -26.65 9.40
N ALA B 150 1.13 -26.75 9.94
CA ALA B 150 0.18 -25.65 9.89
C ALA B 150 0.69 -24.45 10.70
N TYR B 151 1.25 -24.69 11.87
CA TYR B 151 1.77 -23.59 12.69
C TYR B 151 2.88 -22.82 11.94
N GLN B 152 3.77 -23.57 11.32
CA GLN B 152 4.90 -22.98 10.64
C GLN B 152 4.41 -22.10 9.49
N VAL B 153 3.49 -22.65 8.70
CA VAL B 153 2.93 -21.90 7.61
C VAL B 153 2.28 -20.66 8.15
N ALA B 154 1.59 -20.78 9.30
CA ALA B 154 0.89 -19.64 9.86
C ALA B 154 1.86 -18.58 10.37
N ARG B 155 2.98 -19.04 10.90
CA ARG B 155 4.02 -18.11 11.40
C ARG B 155 4.61 -17.32 10.26
N GLY B 156 4.88 -18.03 9.16
CA GLY B 156 5.36 -17.42 7.93
C GLY B 156 4.40 -16.33 7.52
N MET B 157 3.12 -16.65 7.49
CA MET B 157 2.10 -15.68 7.07
C MET B 157 1.97 -14.52 8.06
N GLU B 158 2.02 -14.80 9.34
CA GLU B 158 1.98 -13.76 10.32
C GLU B 158 3.09 -12.74 10.07
N TYR B 159 4.30 -13.25 9.84
CA TYR B 159 5.42 -12.37 9.58
C TYR B 159 5.15 -11.56 8.33
N LEU B 160 4.74 -12.21 7.24
CA LEU B 160 4.52 -11.47 5.99
C LEU B 160 3.47 -10.42 6.20
N ALA B 161 2.37 -10.79 6.87
CA ALA B 161 1.31 -9.80 7.15
C ALA B 161 1.84 -8.58 7.91
N SER B 162 2.74 -8.79 8.88
CA SER B 162 3.31 -7.69 9.66
C SER B 162 4.21 -6.80 8.81
N LYS B 163 4.58 -7.24 7.61
CA LYS B 163 5.30 -6.41 6.65
C LYS B 163 4.41 -5.98 5.50
N LYS B 164 3.09 -5.96 5.70
CA LYS B 164 2.18 -5.47 4.66
C LYS B 164 2.21 -6.34 3.38
N CYS B 165 2.64 -7.58 3.47
CA CYS B 165 2.70 -8.41 2.29
C CYS B 165 1.46 -9.29 2.29
N ILE B 166 0.65 -9.11 1.26
CA ILE B 166 -0.52 -9.93 1.02
C ILE B 166 -0.15 -10.94 -0.05
N HIS B 167 -0.36 -12.21 0.21
CA HIS B 167 0.10 -13.23 -0.69
C HIS B 167 -0.74 -13.31 -1.96
N ARG B 168 -2.07 -13.38 -1.83
CA ARG B 168 -3.03 -13.59 -2.95
C ARG B 168 -3.12 -15.00 -3.58
N ASP B 169 -2.14 -15.87 -3.35
CA ASP B 169 -2.23 -17.23 -3.84
C ASP B 169 -1.67 -18.21 -2.84
N LEU B 170 -2.01 -18.05 -1.58
CA LEU B 170 -1.59 -19.00 -0.58
C LEU B 170 -2.26 -20.35 -0.82
N ALA B 171 -1.45 -21.39 -0.96
CA ALA B 171 -1.91 -22.76 -1.17
C ALA B 171 -0.76 -23.67 -0.84
N ALA B 172 -1.02 -24.94 -0.58
CA ALA B 172 0.09 -25.86 -0.24
C ALA B 172 1.17 -25.93 -1.33
N ARG B 173 0.79 -25.74 -2.59
CA ARG B 173 1.76 -25.70 -3.68
C ARG B 173 2.76 -24.55 -3.54
N ASN B 174 2.34 -23.49 -2.83
CA ASN B 174 3.16 -22.30 -2.56
C ASN B 174 3.70 -22.32 -1.13
N VAL B 175 3.84 -23.49 -0.58
CA VAL B 175 4.65 -23.65 0.61
C VAL B 175 5.75 -24.61 0.25
N LEU B 176 6.99 -24.34 0.66
CA LEU B 176 8.11 -25.26 0.37
C LEU B 176 8.72 -25.88 1.64
N VAL B 177 9.27 -27.09 1.47
CA VAL B 177 9.83 -27.87 2.56
C VAL B 177 11.35 -28.11 2.38
N THR B 178 12.12 -27.64 3.36
CA THR B 178 13.56 -27.80 3.39
C THR B 178 13.98 -29.21 3.79
N GLU B 179 15.28 -29.45 3.73
CA GLU B 179 15.84 -30.74 4.07
C GLU B 179 15.50 -31.07 5.51
N ASP B 180 15.43 -30.06 6.38
CA ASP B 180 15.09 -30.29 7.78
C ASP B 180 13.60 -30.10 8.08
N ASN B 181 12.76 -30.19 7.06
CA ASN B 181 11.31 -30.12 7.18
C ASN B 181 10.82 -28.76 7.66
N VAL B 182 11.56 -27.71 7.32
CA VAL B 182 11.12 -26.37 7.64
C VAL B 182 10.13 -25.97 6.56
N MET B 183 8.96 -25.48 6.98
CA MET B 183 7.95 -24.98 6.04
C MET B 183 8.23 -23.52 5.71
N LYS B 184 8.30 -23.23 4.42
CA LYS B 184 8.58 -21.87 3.97
C LYS B 184 7.59 -21.37 2.94
N ILE B 185 7.01 -20.20 3.19
CA ILE B 185 6.06 -19.64 2.26
C ILE B 185 6.80 -19.25 1.00
N ALA B 186 6.23 -19.59 -0.15
CA ALA B 186 6.83 -19.33 -1.44
C ALA B 186 6.03 -18.30 -2.26
N ASP B 187 6.72 -17.60 -3.12
CA ASP B 187 6.11 -16.81 -4.16
C ASP B 187 5.22 -15.71 -3.59
N PHE B 188 5.69 -15.09 -2.53
CA PHE B 188 4.98 -13.99 -1.88
C PHE B 188 5.37 -12.60 -2.43
N GLY B 189 6.29 -12.53 -3.38
CA GLY B 189 6.87 -11.25 -3.80
C GLY B 189 6.34 -10.63 -5.11
N LEU B 190 5.17 -11.07 -5.58
CA LEU B 190 4.70 -10.73 -6.93
C LEU B 190 3.78 -9.51 -6.93
N LEU B 208 -6.93 -25.02 -10.44
CA LEU B 208 -7.86 -23.88 -10.45
C LEU B 208 -7.69 -23.04 -9.15
N PRO B 209 -6.75 -22.04 -9.15
CA PRO B 209 -6.55 -21.10 -7.99
C PRO B 209 -7.80 -20.39 -7.43
N VAL B 210 -8.88 -20.29 -8.21
CA VAL B 210 -10.12 -19.82 -7.65
C VAL B 210 -10.56 -20.63 -6.41
N LYS B 211 -10.18 -21.90 -6.37
CA LYS B 211 -10.53 -22.77 -5.23
C LYS B 211 -9.87 -22.42 -3.91
N TRP B 212 -8.93 -21.49 -3.90
CA TRP B 212 -8.31 -21.00 -2.65
C TRP B 212 -8.70 -19.55 -2.29
N MET B 213 -9.38 -18.90 -3.21
CA MET B 213 -9.77 -17.49 -3.09
C MET B 213 -10.98 -17.27 -2.18
N ALA B 214 -10.88 -16.29 -1.28
CA ALA B 214 -12.06 -15.82 -0.53
C ALA B 214 -13.15 -15.32 -1.49
N PRO B 215 -14.44 -15.51 -1.09
CA PRO B 215 -15.57 -15.01 -1.91
C PRO B 215 -15.37 -13.56 -2.38
N GLU B 216 -14.90 -12.68 -1.48
CA GLU B 216 -14.69 -11.25 -1.84
C GLU B 216 -13.54 -11.04 -2.86
N ALA B 217 -12.50 -11.89 -2.83
CA ALA B 217 -11.45 -11.89 -3.85
C ALA B 217 -11.98 -12.38 -5.19
N LEU B 218 -12.80 -13.42 -5.09
CA LEU B 218 -13.42 -14.06 -6.21
C LEU B 218 -14.45 -13.12 -6.82
N PHE B 219 -15.32 -12.53 -5.99
CA PHE B 219 -16.42 -11.74 -6.52
C PHE B 219 -15.98 -10.31 -6.93
N ASP B 220 -15.18 -9.67 -6.09
CA ASP B 220 -14.93 -8.24 -6.23
C ASP B 220 -13.46 -7.90 -6.42
N ARG B 221 -12.62 -8.93 -6.48
CA ARG B 221 -11.18 -8.78 -6.59
C ARG B 221 -10.61 -7.97 -5.40
N ILE B 222 -11.17 -8.22 -4.22
CA ILE B 222 -10.70 -7.63 -2.98
C ILE B 222 -9.70 -8.57 -2.32
N TYR B 223 -8.50 -8.07 -2.06
CA TYR B 223 -7.43 -8.86 -1.44
C TYR B 223 -6.83 -8.15 -0.22
N THR B 224 -6.87 -8.84 0.91
CA THR B 224 -6.52 -8.33 2.22
C THR B 224 -5.76 -9.44 2.92
N HIS B 225 -5.25 -9.16 4.11
CA HIS B 225 -4.75 -10.22 4.95
C HIS B 225 -5.86 -11.20 5.32
N GLN B 226 -7.09 -10.73 5.43
CA GLN B 226 -8.19 -11.62 5.78
C GLN B 226 -8.63 -12.53 4.62
N SER B 227 -8.49 -12.09 3.37
CA SER B 227 -8.67 -13.00 2.22
C SER B 227 -7.57 -14.09 2.15
N ASP B 228 -6.34 -13.74 2.51
CA ASP B 228 -5.29 -14.71 2.68
C ASP B 228 -5.61 -15.72 3.81
N VAL B 229 -6.28 -15.27 4.88
CA VAL B 229 -6.67 -16.18 5.96
C VAL B 229 -7.66 -17.26 5.43
N TRP B 230 -8.56 -16.86 4.52
CA TRP B 230 -9.47 -17.79 3.90
C TRP B 230 -8.60 -18.86 3.20
N SER B 231 -7.64 -18.38 2.42
CA SER B 231 -6.78 -19.29 1.71
C SER B 231 -6.09 -20.24 2.67
N PHE B 232 -5.67 -19.75 3.82
CA PHE B 232 -5.02 -20.59 4.81
C PHE B 232 -5.95 -21.69 5.27
N GLY B 233 -7.25 -21.40 5.38
CA GLY B 233 -8.20 -22.44 5.73
C GLY B 233 -8.23 -23.57 4.71
N VAL B 234 -8.24 -23.20 3.45
CA VAL B 234 -8.16 -24.18 2.40
C VAL B 234 -6.86 -24.99 2.50
N LEU B 235 -5.75 -24.29 2.73
CA LEU B 235 -4.45 -24.94 2.92
C LEU B 235 -4.48 -25.89 4.11
N LEU B 236 -5.16 -25.49 5.20
CA LEU B 236 -5.35 -26.39 6.34
C LEU B 236 -6.04 -27.67 5.91
N TRP B 237 -7.11 -27.53 5.13
CA TRP B 237 -7.82 -28.69 4.62
C TRP B 237 -6.87 -29.54 3.77
N GLU B 238 -6.07 -28.90 2.93
CA GLU B 238 -5.04 -29.61 2.16
C GLU B 238 -4.12 -30.39 3.08
N ILE B 239 -3.69 -29.78 4.17
CA ILE B 239 -2.75 -30.47 5.04
C ILE B 239 -3.41 -31.72 5.61
N PHE B 240 -4.64 -31.59 6.06
CA PHE B 240 -5.29 -32.69 6.77
C PHE B 240 -5.90 -33.76 5.87
N THR B 241 -6.00 -33.48 4.57
CA THR B 241 -6.32 -34.51 3.54
C THR B 241 -5.05 -35.05 2.89
N LEU B 242 -3.88 -34.67 3.41
CA LEU B 242 -2.58 -35.12 2.87
C LEU B 242 -2.41 -34.83 1.39
N GLY B 243 -2.66 -33.57 1.05
CA GLY B 243 -2.52 -33.08 -0.32
C GLY B 243 -3.76 -33.27 -1.13
N GLY B 244 -4.92 -33.25 -0.49
CA GLY B 244 -6.19 -33.48 -1.18
C GLY B 244 -6.55 -32.27 -2.03
N SER B 245 -7.45 -32.50 -2.97
CA SER B 245 -7.82 -31.53 -3.99
C SER B 245 -9.20 -30.88 -3.74
N PRO B 246 -9.24 -29.57 -3.48
CA PRO B 246 -10.46 -28.89 -3.08
C PRO B 246 -11.52 -28.89 -4.13
N TYR B 247 -12.77 -29.06 -3.69
CA TYR B 247 -13.94 -29.01 -4.56
C TYR B 247 -13.71 -29.74 -5.90
N PRO B 248 -13.21 -30.97 -5.84
CA PRO B 248 -12.94 -31.68 -7.07
C PRO B 248 -14.22 -31.84 -7.91
N GLY B 249 -14.13 -31.64 -9.22
CA GLY B 249 -15.30 -31.74 -10.09
C GLY B 249 -16.22 -30.52 -10.17
N VAL B 250 -15.97 -29.50 -9.34
CA VAL B 250 -16.76 -28.27 -9.39
C VAL B 250 -16.06 -27.28 -10.33
N PRO B 251 -16.73 -26.83 -11.36
CA PRO B 251 -16.13 -25.81 -12.19
C PRO B 251 -16.32 -24.44 -11.59
N VAL B 252 -15.55 -23.53 -12.13
CA VAL B 252 -15.53 -22.13 -11.82
C VAL B 252 -16.84 -21.49 -11.40
N GLU B 253 -17.77 -21.39 -12.32
CA GLU B 253 -19.04 -20.75 -12.07
C GLU B 253 -19.89 -21.41 -11.05
N GLU B 254 -19.64 -22.67 -10.82
CA GLU B 254 -20.40 -23.35 -9.80
C GLU B 254 -19.85 -23.03 -8.41
N LEU B 255 -18.56 -22.68 -8.33
CA LEU B 255 -17.95 -22.45 -7.02
C LEU B 255 -18.49 -21.20 -6.29
N PHE B 256 -18.58 -20.07 -6.99
CA PHE B 256 -19.20 -18.84 -6.45
C PHE B 256 -20.54 -19.17 -5.83
N LYS B 257 -21.39 -19.85 -6.58
CA LYS B 257 -22.75 -20.15 -6.10
C LYS B 257 -22.70 -21.01 -4.83
N LEU B 258 -21.85 -22.03 -4.84
CA LEU B 258 -21.71 -22.89 -3.65
C LEU B 258 -21.31 -22.05 -2.44
N LEU B 259 -20.32 -21.21 -2.62
CA LEU B 259 -19.81 -20.43 -1.50
C LEU B 259 -20.85 -19.42 -1.02
N LYS B 260 -21.46 -18.70 -1.96
CA LYS B 260 -22.52 -17.71 -1.64
C LYS B 260 -23.62 -18.37 -0.79
N GLU B 261 -23.97 -19.61 -1.13
CA GLU B 261 -24.99 -20.35 -0.37
C GLU B 261 -24.48 -20.92 0.95
N GLY B 262 -23.19 -20.81 1.19
CA GLY B 262 -22.61 -21.16 2.49
C GLY B 262 -22.06 -22.57 2.59
N HIS B 263 -21.96 -23.28 1.46
CA HIS B 263 -21.31 -24.58 1.46
C HIS B 263 -19.85 -24.42 1.86
N ARG B 264 -19.34 -25.43 2.56
CA ARG B 264 -17.92 -25.50 2.90
C ARG B 264 -17.49 -26.94 2.77
N MET B 265 -16.21 -27.15 2.50
CA MET B 265 -15.69 -28.50 2.34
C MET B 265 -15.80 -29.19 3.67
N ASP B 266 -15.84 -30.50 3.59
CA ASP B 266 -16.08 -31.30 4.76
C ASP B 266 -14.84 -31.44 5.60
N LYS B 267 -15.06 -31.88 6.82
CA LYS B 267 -14.00 -32.22 7.73
C LYS B 267 -13.25 -33.43 7.18
N PRO B 268 -11.94 -33.29 6.94
CA PRO B 268 -11.13 -34.42 6.50
C PRO B 268 -11.23 -35.57 7.49
N SER B 269 -11.09 -36.79 6.97
CA SER B 269 -11.11 -38.04 7.74
C SER B 269 -10.46 -37.97 9.12
N ASN B 270 -9.17 -37.77 9.21
CA ASN B 270 -8.60 -37.86 10.55
C ASN B 270 -8.11 -36.47 10.97
N CYS B 271 -9.10 -35.71 11.45
CA CYS B 271 -8.98 -34.29 11.72
C CYS B 271 -9.93 -34.00 12.86
N THR B 272 -9.41 -33.33 13.87
CA THR B 272 -10.13 -33.07 15.09
C THR B 272 -11.18 -32.03 14.82
N ASN B 273 -12.22 -32.05 15.66
CA ASN B 273 -13.30 -31.07 15.61
C ASN B 273 -12.72 -29.62 15.74
N GLU B 274 -11.70 -29.48 16.58
CA GLU B 274 -11.08 -28.16 16.79
C GLU B 274 -10.37 -27.62 15.54
N LEU B 275 -9.58 -28.46 14.88
CA LEU B 275 -8.95 -28.05 13.63
C LEU B 275 -9.97 -27.78 12.53
N TYR B 276 -11.09 -28.52 12.52
CA TYR B 276 -12.14 -28.23 11.57
C TYR B 276 -12.84 -26.90 11.87
N MET B 277 -13.02 -26.61 13.14
CA MET B 277 -13.55 -25.29 13.51
C MET B 277 -12.59 -24.19 13.05
N MET B 278 -11.30 -24.39 13.27
CA MET B 278 -10.31 -23.46 12.73
C MET B 278 -10.53 -23.23 11.23
N MET B 279 -10.65 -24.30 10.44
CA MET B 279 -10.97 -24.13 9.03
C MET B 279 -12.25 -23.32 8.87
N ARG B 280 -13.32 -23.76 9.55
CA ARG B 280 -14.60 -23.06 9.45
C ARG B 280 -14.46 -21.59 9.78
N ASP B 281 -13.68 -21.29 10.81
CA ASP B 281 -13.43 -19.91 11.17
C ASP B 281 -12.73 -19.14 10.04
N CYS B 282 -11.73 -19.75 9.42
CA CYS B 282 -11.02 -19.07 8.37
C CYS B 282 -11.94 -18.82 7.17
N TRP B 283 -12.99 -19.65 7.04
CA TRP B 283 -13.96 -19.50 5.95
C TRP B 283 -15.22 -18.75 6.36
N HIS B 284 -15.11 -17.89 7.36
CA HIS B 284 -16.21 -17.06 7.72
C HIS B 284 -16.53 -16.14 6.55
N ALA B 285 -17.82 -16.01 6.24
CA ALA B 285 -18.27 -15.18 5.10
C ALA B 285 -17.84 -13.71 5.25
N VAL B 286 -17.85 -13.23 6.50
CA VAL B 286 -17.42 -11.87 6.85
C VAL B 286 -15.91 -11.81 7.19
N PRO B 287 -15.11 -11.11 6.37
CA PRO B 287 -13.63 -11.14 6.54
C PRO B 287 -13.17 -10.73 7.93
N SER B 288 -13.85 -9.73 8.52
CA SER B 288 -13.52 -9.22 9.86
C SER B 288 -13.87 -10.23 10.95
N GLN B 289 -14.63 -11.27 10.62
CA GLN B 289 -14.96 -12.33 11.59
C GLN B 289 -13.99 -13.50 11.54
N ARG B 290 -13.11 -13.51 10.55
CA ARG B 290 -12.12 -14.56 10.42
C ARG B 290 -11.02 -14.31 11.45
N PRO B 291 -10.35 -15.35 11.91
CA PRO B 291 -9.22 -14.97 12.76
C PRO B 291 -8.09 -14.28 11.96
N THR B 292 -7.22 -13.60 12.68
CA THR B 292 -5.99 -13.02 12.10
C THR B 292 -4.91 -14.06 12.12
N PHE B 293 -3.86 -13.89 11.32
CA PHE B 293 -2.73 -14.82 11.42
C PHE B 293 -2.12 -14.86 12.81
N LYS B 294 -2.01 -13.69 13.45
CA LYS B 294 -1.64 -13.56 14.86
C LYS B 294 -2.43 -14.54 15.72
N GLN B 295 -3.76 -14.50 15.57
CA GLN B 295 -4.64 -15.37 16.34
C GLN B 295 -4.41 -16.84 15.96
N LEU B 296 -4.39 -17.11 14.67
CA LEU B 296 -4.08 -18.43 14.17
C LEU B 296 -2.79 -19.02 14.74
N VAL B 297 -1.74 -18.22 14.76
CA VAL B 297 -0.49 -18.65 15.37
C VAL B 297 -0.69 -19.01 16.86
N GLU B 298 -1.39 -18.15 17.59
CA GLU B 298 -1.59 -18.40 19.01
C GLU B 298 -2.36 -19.71 19.22
N ASP B 299 -3.41 -19.91 18.43
CA ASP B 299 -4.23 -21.10 18.58
C ASP B 299 -3.43 -22.32 18.19
N LEU B 300 -2.73 -22.24 17.06
CA LEU B 300 -1.98 -23.38 16.60
C LEU B 300 -0.86 -23.71 17.57
N ASP B 301 -0.25 -22.70 18.16
CA ASP B 301 0.76 -22.93 19.20
C ASP B 301 0.23 -23.83 20.31
N ARG B 302 -0.93 -23.51 20.86
CA ARG B 302 -1.55 -24.35 21.88
C ARG B 302 -1.88 -25.75 21.36
N ILE B 303 -2.45 -25.84 20.16
CA ILE B 303 -2.79 -27.17 19.61
C ILE B 303 -1.53 -28.05 19.48
N VAL B 304 -0.50 -27.51 18.86
CA VAL B 304 0.80 -28.22 18.77
C VAL B 304 1.22 -28.75 20.12
N ALA B 305 1.14 -27.92 21.16
CA ALA B 305 1.64 -28.34 22.48
C ALA B 305 0.80 -29.46 23.10
N LEU B 306 -0.48 -29.54 22.73
CA LEU B 306 -1.38 -30.54 23.27
C LEU B 306 -1.57 -31.76 22.36
N THR B 307 -0.90 -31.76 21.21
CA THR B 307 -0.92 -32.89 20.28
C THR B 307 0.37 -33.70 20.49
N SER B 308 0.30 -35.03 20.40
CA SER B 308 1.53 -35.88 20.46
C SER B 308 1.98 -36.48 19.09
#